data_5AJZ
#
_entry.id   5AJZ
#
_cell.length_a   102.480
_cell.length_b   102.480
_cell.length_c   258.960
_cell.angle_alpha   90.00
_cell.angle_beta   90.00
_cell.angle_gamma   120.00
#
_symmetry.space_group_name_H-M   'P 65 2 2'
#
loop_
_entity.id
_entity.type
_entity.pdbx_description
1 polymer '6-PHOSPHOFRUCTO-2-KINASE/FRUCTOSE-2,6-BISPHOSPHATASE 3'
2 non-polymer 'PHOSPHONIC ACID'
3 non-polymer 6-O-phosphono-beta-D-fructofuranose
4 non-polymer 'PHOSPHATE ION'
5 non-polymer 2-azanyl-N-[4-[(3-cyano-1H-indol-5-yl)oxy]phenyl]ethanamide
6 water water
#
_entity_poly.entity_id   1
_entity_poly.type   'polypeptide(L)'
_entity_poly.pdbx_seq_one_letter_code
;MPLELTQSRVQKIWVPVDHRPSLPRSCGPKLTNSPTVIVMVGLPARGKTYISKKLTRYLNWIGVPTKVFNVGEYRREAVK
QYSSYNFFRPDNEEAMKVRKQCALAALRDVKSYLAKEGGQIAVFDATNTTRERRHMILHFAKENDFKAFFIESVCDDPTV
VASNIMEVKISSPDYKDCNSAEAMDDFMKRISCYEASYQPLDPDKCDRDLSLIKVIDVGRRFLVNRVQDHIQSRIVYYLM
NIHVQPRTIYLCRHGENEHNLQGRIGGDSGLSSRGKKFASALSKFVEEQNLKDLRVWTSQLKSTIQTAEALRLPYEQWKA
LNEIDAGVCEELTYEEIRDTYPEEYALREQDKYYYRYPTGESYQDLVQRLEPVIMELERQENVLVICHQAVLRCLLAYFL
DKSAEEMPYLKCPLHTVLKLTPVAYGCRVESIYLNVESVCTHRERSEDAKKGPNPLMRRNSVTPLASPEPTKKPRINSFE
EHVASTSAALPSCLPPEVPTQLPGQNMKGSRSSADSSRKH
;
_entity_poly.pdbx_strand_id   A
#
loop_
_chem_comp.id
_chem_comp.type
_chem_comp.name
_chem_comp.formula
F6P D-saccharide, beta linking 6-O-phosphono-beta-D-fructofuranose 'C6 H13 O9 P'
MJP non-polymer 2-azanyl-N-[4-[(3-cyano-1H-indol-5-yl)oxy]phenyl]ethanamide 'C17 H14 N4 O2'
PHS non-polymer 'PHOSPHONIC ACID' 'H3 O3 P'
PO4 non-polymer 'PHOSPHATE ION' 'O4 P -3'
#
# COMPACT_ATOMS: atom_id res chain seq x y z
N LEU A 3 38.05 16.26 3.81
CA LEU A 3 36.72 15.69 3.53
C LEU A 3 36.18 14.95 4.80
N GLU A 4 36.05 15.70 5.92
CA GLU A 4 35.62 15.18 7.23
C GLU A 4 34.14 14.81 7.28
N LEU A 5 33.88 13.54 7.53
CA LEU A 5 32.52 13.04 7.63
C LEU A 5 32.26 12.44 8.99
N THR A 6 30.97 12.39 9.37
CA THR A 6 30.54 11.72 10.59
C THR A 6 29.38 10.78 10.26
N GLN A 7 29.29 9.67 10.97
CA GLN A 7 28.22 8.72 10.74
C GLN A 7 27.02 9.03 11.64
N SER A 8 25.85 9.37 11.06
CA SER A 8 24.63 9.66 11.84
C SER A 8 24.27 8.42 12.71
N ARG A 9 24.09 8.63 14.01
CA ARG A 9 23.87 7.57 15.01
C ARG A 9 22.70 6.64 14.74
N VAL A 10 21.59 7.18 14.25
CA VAL A 10 20.40 6.36 14.01
C VAL A 10 20.51 5.57 12.69
N GLN A 11 20.49 6.27 11.55
CA GLN A 11 20.48 5.69 10.21
C GLN A 11 21.85 5.23 9.72
N LYS A 12 22.94 5.61 10.42
CA LYS A 12 24.32 5.21 10.07
C LYS A 12 24.77 5.79 8.71
N ILE A 13 24.26 6.98 8.33
CA ILE A 13 24.58 7.68 7.08
C ILE A 13 25.78 8.61 7.28
N TRP A 14 26.78 8.51 6.39
CA TRP A 14 27.95 9.39 6.44
C TRP A 14 27.58 10.74 5.91
N VAL A 15 27.72 11.75 6.75
CA VAL A 15 27.37 13.13 6.41
C VAL A 15 28.58 14.05 6.64
N PRO A 16 28.71 15.18 5.92
CA PRO A 16 29.84 16.09 6.20
C PRO A 16 29.71 16.60 7.64
N VAL A 17 30.83 16.61 8.39
CA VAL A 17 30.90 17.12 9.76
C VAL A 17 30.35 18.54 9.67
N ASP A 18 29.25 18.81 10.35
CA ASP A 18 28.65 20.12 10.21
C ASP A 18 28.95 21.00 11.42
N HIS A 19 30.01 21.78 11.25
CA HIS A 19 30.47 22.76 12.20
C HIS A 19 29.77 24.00 11.79
N ARG A 20 28.53 24.13 12.26
CA ARG A 20 27.69 25.28 11.96
C ARG A 20 28.38 26.54 12.47
N PRO A 21 28.29 27.68 11.72
CA PRO A 21 28.92 28.91 12.22
C PRO A 21 28.16 29.46 13.44
N SER A 22 28.64 30.59 13.99
CA SER A 22 28.08 31.27 15.16
C SER A 22 26.55 31.41 15.09
N LEU A 23 26.04 31.77 13.89
CA LEU A 23 24.61 31.93 13.59
C LEU A 23 24.22 30.81 12.62
N PRO A 24 23.80 29.61 13.13
CA PRO A 24 23.41 28.52 12.22
C PRO A 24 22.20 28.87 11.37
N ARG A 25 22.31 28.64 10.05
CA ARG A 25 21.27 28.93 9.07
C ARG A 25 20.70 27.66 8.48
N SER A 26 19.38 27.55 8.44
CA SER A 26 18.68 26.42 7.83
C SER A 26 18.17 26.92 6.47
N CYS A 27 18.20 26.08 5.43
CA CYS A 27 17.75 26.49 4.08
C CYS A 27 16.20 26.45 3.91
N GLY A 28 15.47 26.05 4.97
CA GLY A 28 14.01 26.01 5.02
C GLY A 28 13.34 25.11 3.99
N ASN A 33 12.14 16.79 -5.62
CA ASN A 33 11.62 17.21 -6.93
C ASN A 33 10.13 17.58 -6.87
N SER A 34 9.64 18.35 -7.90
CA SER A 34 8.26 18.84 -8.05
C SER A 34 7.16 17.84 -7.65
N PRO A 35 6.17 18.26 -6.82
CA PRO A 35 5.09 17.34 -6.43
C PRO A 35 4.18 16.99 -7.60
N THR A 36 3.43 15.90 -7.47
CA THR A 36 2.53 15.47 -8.54
C THR A 36 1.09 15.39 -8.10
N VAL A 37 0.22 15.88 -8.98
CA VAL A 37 -1.23 15.75 -8.82
C VAL A 37 -1.60 14.62 -9.77
N ILE A 38 -2.06 13.51 -9.21
CA ILE A 38 -2.58 12.39 -9.98
C ILE A 38 -4.09 12.67 -10.16
N VAL A 39 -4.53 12.83 -11.42
CA VAL A 39 -5.92 13.13 -11.74
C VAL A 39 -6.67 11.87 -12.17
N MET A 40 -7.64 11.43 -11.33
CA MET A 40 -8.47 10.28 -11.73
C MET A 40 -9.50 10.74 -12.75
N VAL A 41 -9.74 9.93 -13.79
CA VAL A 41 -10.66 10.27 -14.88
C VAL A 41 -11.57 9.07 -15.18
N GLY A 42 -12.85 9.33 -15.36
CA GLY A 42 -13.80 8.28 -15.70
C GLY A 42 -15.17 8.41 -15.09
N LEU A 43 -16.11 7.66 -15.68
CA LEU A 43 -17.50 7.58 -15.23
C LEU A 43 -17.55 6.92 -13.83
N PRO A 44 -18.63 7.11 -13.03
CA PRO A 44 -18.70 6.42 -11.74
C PRO A 44 -18.69 4.89 -11.93
N ALA A 45 -18.32 4.14 -10.88
CA ALA A 45 -18.23 2.67 -10.82
C ALA A 45 -17.19 2.11 -11.82
N ARG A 46 -16.11 2.86 -12.01
CA ARG A 46 -15.01 2.47 -12.89
C ARG A 46 -13.75 2.14 -12.09
N GLY A 47 -13.90 2.00 -10.78
CA GLY A 47 -12.79 1.63 -9.89
C GLY A 47 -11.80 2.75 -9.61
N LYS A 48 -12.19 4.04 -9.85
CA LYS A 48 -11.29 5.17 -9.59
C LYS A 48 -10.85 5.27 -8.13
N THR A 49 -11.79 5.11 -7.17
CA THR A 49 -11.52 5.13 -5.73
C THR A 49 -10.69 3.91 -5.33
N TYR A 50 -10.96 2.76 -5.96
CA TYR A 50 -10.21 1.54 -5.72
C TYR A 50 -8.73 1.78 -6.15
N ILE A 51 -8.51 2.34 -7.36
CA ILE A 51 -7.18 2.69 -7.88
C ILE A 51 -6.49 3.72 -6.96
N SER A 52 -7.20 4.79 -6.63
CA SER A 52 -6.73 5.87 -5.75
C SER A 52 -6.17 5.34 -4.44
N LYS A 53 -6.96 4.52 -3.76
CA LYS A 53 -6.65 3.96 -2.44
C LYS A 53 -5.50 2.98 -2.49
N LYS A 54 -5.52 2.04 -3.45
CA LYS A 54 -4.48 1.01 -3.60
C LYS A 54 -3.11 1.63 -3.96
N LEU A 55 -3.09 2.55 -4.93
CA LEU A 55 -1.91 3.27 -5.37
C LEU A 55 -1.29 4.12 -4.23
N THR A 56 -2.16 4.78 -3.41
CA THR A 56 -1.78 5.60 -2.26
C THR A 56 -1.12 4.72 -1.20
N ARG A 57 -1.69 3.53 -0.97
CA ARG A 57 -1.22 2.52 -0.02
C ARG A 57 0.21 2.03 -0.40
N TYR A 58 0.42 1.80 -1.68
CA TYR A 58 1.69 1.36 -2.22
C TYR A 58 2.74 2.48 -2.16
N LEU A 59 2.37 3.69 -2.62
CA LEU A 59 3.26 4.86 -2.62
C LEU A 59 3.70 5.26 -1.23
N ASN A 60 2.77 5.24 -0.25
CA ASN A 60 3.12 5.56 1.13
C ASN A 60 4.09 4.53 1.72
N TRP A 61 3.82 3.23 1.50
CA TRP A 61 4.64 2.11 1.94
C TRP A 61 6.09 2.17 1.41
N ILE A 62 6.28 2.57 0.14
CA ILE A 62 7.61 2.72 -0.46
C ILE A 62 8.30 4.02 -0.02
N GLY A 63 7.59 4.88 0.73
CA GLY A 63 8.12 6.13 1.28
C GLY A 63 7.85 7.39 0.50
N VAL A 64 6.83 7.40 -0.35
CA VAL A 64 6.45 8.60 -1.09
C VAL A 64 5.18 9.14 -0.41
N PRO A 65 5.23 10.24 0.39
CA PRO A 65 4.00 10.71 1.07
C PRO A 65 2.90 11.02 0.07
N THR A 66 1.80 10.28 0.19
CA THR A 66 0.66 10.35 -0.73
C THR A 66 -0.65 10.48 0.00
N LYS A 67 -1.56 11.27 -0.55
CA LYS A 67 -2.89 11.44 0.02
C LYS A 67 -3.94 11.53 -1.06
N VAL A 68 -5.11 10.92 -0.79
CA VAL A 68 -6.30 10.96 -1.66
C VAL A 68 -7.22 12.13 -1.23
N PHE A 69 -7.69 12.89 -2.23
CA PHE A 69 -8.64 13.98 -2.08
C PHE A 69 -9.84 13.56 -2.92
N ASN A 70 -10.84 12.98 -2.25
CA ASN A 70 -12.07 12.49 -2.90
C ASN A 70 -13.13 13.58 -2.81
N VAL A 71 -13.53 14.11 -3.97
CA VAL A 71 -14.49 15.21 -4.10
C VAL A 71 -15.87 14.86 -3.49
N GLY A 72 -16.26 13.59 -3.57
CA GLY A 72 -17.50 13.07 -3.00
C GLY A 72 -17.58 13.19 -1.49
N GLU A 73 -16.42 13.13 -0.80
CA GLU A 73 -16.33 13.24 0.66
C GLU A 73 -16.49 14.69 1.12
N TYR A 74 -16.03 15.62 0.27
CA TYR A 74 -16.19 17.07 0.45
C TYR A 74 -17.65 17.43 0.26
N ARG A 75 -18.33 16.72 -0.65
CA ARG A 75 -19.76 16.87 -0.96
C ARG A 75 -20.61 16.32 0.20
N ARG A 76 -20.26 15.14 0.74
CA ARG A 76 -20.97 14.53 1.88
C ARG A 76 -20.87 15.43 3.15
N GLU A 77 -19.82 16.25 3.22
CA GLU A 77 -19.53 17.18 4.29
C GLU A 77 -20.30 18.48 4.10
N ALA A 78 -20.39 18.97 2.84
CA ALA A 78 -21.13 20.20 2.52
C ALA A 78 -22.65 19.99 2.49
N VAL A 79 -23.11 18.83 2.02
CA VAL A 79 -24.52 18.45 1.93
C VAL A 79 -24.70 17.26 2.87
N LYS A 80 -25.25 17.52 4.08
CA LYS A 80 -25.48 16.54 5.16
C LYS A 80 -25.99 15.16 4.69
N GLN A 81 -27.25 15.07 4.22
CA GLN A 81 -27.77 13.78 3.75
C GLN A 81 -28.04 13.75 2.25
N TYR A 82 -27.73 12.60 1.63
CA TYR A 82 -27.91 12.30 0.21
C TYR A 82 -29.29 11.72 0.00
N SER A 83 -30.03 12.28 -0.94
CA SER A 83 -31.37 11.78 -1.22
C SER A 83 -31.45 10.91 -2.48
N SER A 84 -30.96 11.42 -3.65
CA SER A 84 -31.01 10.68 -4.92
C SER A 84 -30.08 11.23 -6.01
N TYR A 85 -30.09 10.57 -7.20
CA TYR A 85 -29.35 10.87 -8.44
C TYR A 85 -29.70 12.27 -8.96
N ASN A 86 -30.87 12.81 -8.53
CA ASN A 86 -31.37 14.15 -8.87
C ASN A 86 -30.36 15.24 -8.50
N PHE A 87 -29.50 14.98 -7.48
CA PHE A 87 -28.43 15.86 -7.03
C PHE A 87 -27.35 15.96 -8.13
N PHE A 88 -27.19 14.89 -8.90
CA PHE A 88 -26.18 14.81 -9.96
C PHE A 88 -26.70 15.22 -11.34
N ARG A 89 -27.98 15.61 -11.45
CA ARG A 89 -28.52 16.04 -12.73
C ARG A 89 -27.75 17.22 -13.35
N PRO A 90 -27.47 17.20 -14.67
CA PRO A 90 -26.80 18.36 -15.30
C PRO A 90 -27.63 19.64 -15.23
N ASP A 91 -28.98 19.52 -15.10
CA ASP A 91 -29.87 20.69 -15.00
C ASP A 91 -30.03 21.21 -13.57
N ASN A 92 -29.38 20.54 -12.58
CA ASN A 92 -29.41 20.91 -11.17
C ASN A 92 -28.42 22.05 -10.94
N GLU A 93 -28.80 23.30 -11.28
CA GLU A 93 -27.96 24.48 -11.15
C GLU A 93 -27.28 24.63 -9.78
N GLU A 94 -28.06 24.51 -8.68
CA GLU A 94 -27.58 24.65 -7.30
C GLU A 94 -26.56 23.56 -6.93
N ALA A 95 -26.88 22.26 -7.16
CA ALA A 95 -25.94 21.18 -6.85
C ALA A 95 -24.69 21.26 -7.70
N MET A 96 -24.79 21.73 -8.96
CA MET A 96 -23.64 21.89 -9.86
C MET A 96 -22.65 22.93 -9.29
N LYS A 97 -23.19 23.99 -8.65
CA LYS A 97 -22.39 25.04 -8.01
C LYS A 97 -21.71 24.44 -6.78
N VAL A 98 -22.46 23.69 -5.96
CA VAL A 98 -21.97 23.00 -4.76
C VAL A 98 -20.84 22.02 -5.11
N ARG A 99 -21.05 21.20 -6.14
CA ARG A 99 -20.09 20.21 -6.61
C ARG A 99 -18.79 20.88 -7.09
N LYS A 100 -18.89 22.01 -7.79
CA LYS A 100 -17.73 22.79 -8.24
C LYS A 100 -16.95 23.33 -7.02
N GLN A 101 -17.67 23.92 -6.03
CA GLN A 101 -17.12 24.45 -4.79
C GLN A 101 -16.35 23.37 -4.02
N CYS A 102 -16.92 22.15 -3.95
CA CYS A 102 -16.31 20.97 -3.34
C CYS A 102 -15.02 20.56 -4.01
N ALA A 103 -14.98 20.58 -5.36
CA ALA A 103 -13.81 20.25 -6.17
C ALA A 103 -12.73 21.30 -5.91
N LEU A 104 -13.11 22.59 -5.91
CA LEU A 104 -12.18 23.71 -5.63
C LEU A 104 -11.64 23.67 -4.20
N ALA A 105 -12.46 23.28 -3.23
CA ALA A 105 -12.06 23.13 -1.82
C ALA A 105 -11.06 21.97 -1.69
N ALA A 106 -11.27 20.86 -2.48
CA ALA A 106 -10.36 19.72 -2.50
C ALA A 106 -9.02 20.15 -3.10
N LEU A 107 -9.03 20.94 -4.20
CA LEU A 107 -7.82 21.45 -4.83
C LEU A 107 -7.04 22.39 -3.88
N ARG A 108 -7.76 23.19 -3.09
CA ARG A 108 -7.18 24.10 -2.08
C ARG A 108 -6.37 23.24 -1.11
N ASP A 109 -6.98 22.13 -0.63
CA ASP A 109 -6.34 21.15 0.25
C ASP A 109 -5.20 20.39 -0.42
N VAL A 110 -5.25 20.24 -1.77
CA VAL A 110 -4.18 19.63 -2.57
C VAL A 110 -2.95 20.56 -2.51
N LYS A 111 -3.16 21.88 -2.72
CA LYS A 111 -2.12 22.91 -2.70
C LYS A 111 -1.43 22.95 -1.33
N SER A 112 -2.23 22.95 -0.26
CA SER A 112 -1.75 22.96 1.11
C SER A 112 -0.96 21.68 1.43
N TYR A 113 -1.42 20.53 0.94
CA TYR A 113 -0.75 19.25 1.18
C TYR A 113 0.63 19.19 0.52
N LEU A 114 0.71 19.53 -0.78
CA LEU A 114 1.92 19.48 -1.58
C LEU A 114 2.91 20.60 -1.33
N ALA A 115 2.44 21.85 -1.12
CA ALA A 115 3.32 22.99 -0.93
C ALA A 115 3.66 23.28 0.52
N LYS A 116 2.82 22.85 1.47
CA LYS A 116 3.02 23.21 2.88
C LYS A 116 3.09 22.04 3.88
N GLU A 117 2.75 20.82 3.46
CA GLU A 117 2.75 19.72 4.42
C GLU A 117 3.76 18.62 4.14
N GLY A 118 4.62 18.81 3.16
CA GLY A 118 5.61 17.80 2.79
C GLY A 118 5.04 16.60 2.05
N GLY A 119 3.86 16.76 1.45
CA GLY A 119 3.27 15.71 0.64
C GLY A 119 3.93 15.70 -0.72
N GLN A 120 4.10 14.52 -1.29
CA GLN A 120 4.73 14.44 -2.62
C GLN A 120 3.73 14.17 -3.71
N ILE A 121 2.70 13.37 -3.42
CA ILE A 121 1.68 13.01 -4.40
C ILE A 121 0.28 13.25 -3.84
N ALA A 122 -0.56 13.93 -4.61
CA ALA A 122 -1.95 14.16 -4.25
C ALA A 122 -2.78 13.45 -5.30
N VAL A 123 -3.61 12.51 -4.87
CA VAL A 123 -4.48 11.81 -5.81
C VAL A 123 -5.83 12.49 -5.78
N PHE A 124 -6.18 13.20 -6.86
CA PHE A 124 -7.43 13.93 -7.04
C PHE A 124 -8.49 12.97 -7.60
N ASP A 125 -9.26 12.38 -6.67
CA ASP A 125 -10.25 11.36 -6.94
C ASP A 125 -11.64 11.93 -7.19
N ALA A 126 -11.93 12.15 -8.47
CA ALA A 126 -13.21 12.66 -8.97
C ALA A 126 -13.42 12.09 -10.37
N THR A 127 -14.57 12.39 -10.97
CA THR A 127 -14.91 11.94 -12.32
C THR A 127 -14.01 12.63 -13.35
N ASN A 128 -13.83 13.97 -13.23
CA ASN A 128 -12.98 14.79 -14.12
C ASN A 128 -13.16 14.35 -15.60
N THR A 129 -14.44 14.12 -15.96
CA THR A 129 -14.93 13.59 -17.22
C THR A 129 -14.98 14.61 -18.36
N THR A 130 -14.97 15.91 -18.02
CA THR A 130 -15.01 16.98 -19.04
C THR A 130 -13.63 17.59 -19.23
N ARG A 131 -13.34 18.04 -20.46
CA ARG A 131 -12.09 18.72 -20.80
C ARG A 131 -11.97 20.02 -20.00
N GLU A 132 -13.11 20.73 -19.79
CA GLU A 132 -13.19 21.96 -19.00
C GLU A 132 -12.67 21.73 -17.58
N ARG A 133 -13.18 20.71 -16.87
CA ARG A 133 -12.69 20.38 -15.52
C ARG A 133 -11.17 20.08 -15.55
N ARG A 134 -10.72 19.28 -16.51
CA ARG A 134 -9.31 18.89 -16.63
C ARG A 134 -8.41 20.07 -16.99
N HIS A 135 -8.92 21.05 -17.76
CA HIS A 135 -8.19 22.27 -18.13
C HIS A 135 -7.97 23.13 -16.92
N MET A 136 -8.98 23.17 -16.05
CA MET A 136 -8.97 23.87 -14.78
C MET A 136 -7.95 23.22 -13.83
N ILE A 137 -7.87 21.86 -13.79
CA ILE A 137 -6.92 21.14 -12.94
C ILE A 137 -5.49 21.38 -13.43
N LEU A 138 -5.30 21.39 -14.77
CA LEU A 138 -4.02 21.71 -15.40
C LEU A 138 -3.58 23.12 -15.07
N HIS A 139 -4.50 24.11 -15.15
CA HIS A 139 -4.22 25.50 -14.80
C HIS A 139 -3.72 25.57 -13.35
N PHE A 140 -4.45 24.91 -12.44
CA PHE A 140 -4.11 24.80 -11.02
C PHE A 140 -2.70 24.17 -10.83
N ALA A 141 -2.38 23.11 -11.60
CA ALA A 141 -1.08 22.45 -11.52
C ALA A 141 0.04 23.36 -12.03
N LYS A 142 -0.13 23.95 -13.24
CA LYS A 142 0.87 24.84 -13.84
C LYS A 142 1.15 26.06 -12.95
N GLU A 143 0.09 26.73 -12.41
CA GLU A 143 0.28 27.90 -11.54
C GLU A 143 1.00 27.57 -10.21
N ASN A 144 0.88 26.34 -9.71
CA ASN A 144 1.49 25.88 -8.45
C ASN A 144 2.79 25.09 -8.64
N ASP A 145 3.25 24.96 -9.89
CA ASP A 145 4.44 24.21 -10.29
C ASP A 145 4.35 22.71 -9.90
N PHE A 146 3.13 22.15 -10.06
CA PHE A 146 2.88 20.74 -9.78
C PHE A 146 2.81 20.02 -11.10
N LYS A 147 3.28 18.79 -11.10
CA LYS A 147 3.17 17.95 -12.28
C LYS A 147 1.74 17.39 -12.27
N ALA A 148 1.21 17.08 -13.44
CA ALA A 148 -0.10 16.46 -13.57
C ALA A 148 0.08 15.13 -14.33
N PHE A 149 -0.48 14.05 -13.77
CA PHE A 149 -0.47 12.72 -14.35
C PHE A 149 -1.91 12.20 -14.29
N PHE A 150 -2.48 11.85 -15.45
CA PHE A 150 -3.86 11.41 -15.53
C PHE A 150 -3.99 9.90 -15.56
N ILE A 151 -4.93 9.36 -14.78
CA ILE A 151 -5.23 7.93 -14.75
C ILE A 151 -6.70 7.80 -15.06
N GLU A 152 -7.00 7.33 -16.27
CA GLU A 152 -8.38 7.14 -16.70
C GLU A 152 -8.73 5.66 -16.70
N SER A 153 -9.91 5.34 -16.14
CA SER A 153 -10.41 3.98 -16.15
C SER A 153 -11.63 3.93 -17.09
N VAL A 154 -11.49 3.20 -18.21
CA VAL A 154 -12.50 3.04 -19.27
C VAL A 154 -13.02 1.61 -19.28
N CYS A 155 -14.34 1.43 -19.19
CA CYS A 155 -15.01 0.13 -19.25
C CYS A 155 -16.45 0.24 -19.64
N ASP A 156 -16.84 -0.53 -20.65
CA ASP A 156 -18.21 -0.58 -21.18
C ASP A 156 -18.99 -1.82 -20.77
N ASP A 157 -18.34 -2.77 -20.07
CA ASP A 157 -18.94 -4.03 -19.61
C ASP A 157 -20.00 -3.81 -18.49
N PRO A 158 -21.29 -4.12 -18.75
CA PRO A 158 -22.32 -3.92 -17.70
C PRO A 158 -22.19 -4.85 -16.49
N THR A 159 -21.53 -6.01 -16.66
CA THR A 159 -21.27 -7.00 -15.60
C THR A 159 -20.30 -6.42 -14.57
N VAL A 160 -19.24 -5.76 -15.06
CA VAL A 160 -18.18 -5.10 -14.27
C VAL A 160 -18.79 -3.93 -13.47
N VAL A 161 -19.63 -3.11 -14.14
CA VAL A 161 -20.31 -1.95 -13.53
C VAL A 161 -21.24 -2.41 -12.40
N ALA A 162 -22.10 -3.42 -12.68
CA ALA A 162 -23.06 -3.99 -11.71
C ALA A 162 -22.35 -4.60 -10.50
N SER A 163 -21.21 -5.31 -10.73
CA SER A 163 -20.37 -5.95 -9.71
C SER A 163 -19.78 -4.88 -8.75
N ASN A 164 -19.26 -3.75 -9.31
CA ASN A 164 -18.71 -2.64 -8.54
C ASN A 164 -19.79 -1.98 -7.67
N ILE A 165 -21.01 -1.81 -8.21
CA ILE A 165 -22.12 -1.22 -7.48
C ILE A 165 -22.48 -2.09 -6.28
N MET A 166 -22.56 -3.42 -6.51
CA MET A 166 -22.86 -4.45 -5.50
C MET A 166 -21.76 -4.60 -4.44
N GLU A 167 -20.48 -4.55 -4.86
CA GLU A 167 -19.35 -4.72 -3.96
C GLU A 167 -19.08 -3.53 -3.05
N VAL A 168 -19.03 -2.30 -3.60
CA VAL A 168 -18.66 -1.16 -2.78
C VAL A 168 -19.58 0.07 -2.88
N LYS A 169 -20.47 0.16 -3.89
CA LYS A 169 -21.32 1.35 -3.99
C LYS A 169 -22.56 1.29 -3.08
N ILE A 170 -23.31 0.18 -3.08
CA ILE A 170 -24.53 0.02 -2.27
C ILE A 170 -24.23 0.19 -0.77
N SER A 171 -23.00 -0.14 -0.33
CA SER A 171 -22.52 -0.03 1.06
C SER A 171 -21.93 1.36 1.39
N SER A 172 -22.04 2.33 0.44
CA SER A 172 -21.56 3.70 0.58
C SER A 172 -22.42 4.46 1.62
N PRO A 173 -21.85 5.45 2.39
CA PRO A 173 -22.67 6.18 3.37
C PRO A 173 -23.89 6.91 2.79
N ASP A 174 -23.90 7.14 1.46
CA ASP A 174 -24.98 7.76 0.70
C ASP A 174 -26.22 6.89 0.67
N TYR A 175 -26.04 5.54 0.71
CA TYR A 175 -27.11 4.57 0.61
C TYR A 175 -27.43 3.83 1.93
N LYS A 176 -27.15 4.47 3.09
CA LYS A 176 -27.39 3.95 4.45
C LYS A 176 -28.85 3.57 4.70
N ASP A 177 -29.78 4.45 4.29
CA ASP A 177 -31.23 4.27 4.46
C ASP A 177 -31.89 3.47 3.31
N CYS A 178 -31.10 3.05 2.30
CA CYS A 178 -31.60 2.34 1.12
C CYS A 178 -31.32 0.83 1.17
N ASN A 179 -32.18 0.03 0.48
CA ASN A 179 -31.93 -1.40 0.33
C ASN A 179 -31.15 -1.59 -0.97
N SER A 180 -30.49 -2.74 -1.14
CA SER A 180 -29.65 -3.07 -2.29
C SER A 180 -30.25 -2.72 -3.67
N ALA A 181 -31.55 -2.98 -3.89
CA ALA A 181 -32.23 -2.70 -5.16
C ALA A 181 -32.42 -1.21 -5.46
N GLU A 182 -32.80 -0.41 -4.44
CA GLU A 182 -33.01 1.04 -4.55
C GLU A 182 -31.69 1.73 -4.88
N ALA A 183 -30.63 1.42 -4.08
CA ALA A 183 -29.27 1.92 -4.21
C ALA A 183 -28.69 1.62 -5.60
N MET A 184 -28.84 0.36 -6.11
CA MET A 184 -28.36 -0.06 -7.43
C MET A 184 -29.07 0.77 -8.54
N ASP A 185 -30.41 0.91 -8.45
CA ASP A 185 -31.21 1.67 -9.40
C ASP A 185 -30.82 3.15 -9.42
N ASP A 186 -30.68 3.77 -8.22
CA ASP A 186 -30.29 5.17 -8.07
C ASP A 186 -28.88 5.42 -8.65
N PHE A 187 -27.95 4.48 -8.39
CA PHE A 187 -26.58 4.57 -8.88
C PHE A 187 -26.49 4.48 -10.40
N MET A 188 -27.35 3.66 -11.04
CA MET A 188 -27.37 3.54 -12.51
C MET A 188 -27.79 4.86 -13.13
N LYS A 189 -28.80 5.51 -12.54
CA LYS A 189 -29.33 6.81 -12.96
C LYS A 189 -28.25 7.89 -12.75
N ARG A 190 -27.53 7.81 -11.63
CA ARG A 190 -26.42 8.68 -11.25
C ARG A 190 -25.29 8.63 -12.31
N ILE A 191 -24.93 7.42 -12.82
CA ILE A 191 -23.93 7.19 -13.87
C ILE A 191 -24.40 7.88 -15.17
N SER A 192 -25.68 7.70 -15.52
CA SER A 192 -26.30 8.27 -16.72
C SER A 192 -26.21 9.81 -16.78
N CYS A 193 -26.23 10.50 -15.61
CA CYS A 193 -26.09 11.96 -15.45
C CYS A 193 -24.75 12.45 -16.02
N TYR A 194 -23.71 11.60 -15.97
CA TYR A 194 -22.35 11.91 -16.43
C TYR A 194 -22.04 11.54 -17.88
N GLU A 195 -22.80 10.63 -18.47
CA GLU A 195 -22.53 10.07 -19.80
C GLU A 195 -22.55 11.10 -20.95
N ALA A 196 -23.49 12.05 -20.95
CA ALA A 196 -23.60 13.07 -22.02
C ALA A 196 -22.39 14.00 -22.13
N SER A 197 -21.88 14.50 -20.98
CA SER A 197 -20.76 15.44 -20.99
C SER A 197 -19.39 14.77 -20.95
N TYR A 198 -19.34 13.43 -20.80
CA TYR A 198 -18.08 12.66 -20.75
C TYR A 198 -17.29 12.73 -22.06
N GLN A 199 -16.08 13.29 -21.95
CA GLN A 199 -15.08 13.42 -23.00
C GLN A 199 -13.88 12.59 -22.57
N PRO A 200 -13.74 11.34 -23.07
CA PRO A 200 -12.58 10.51 -22.68
C PRO A 200 -11.25 11.19 -23.03
N LEU A 201 -10.13 10.75 -22.41
CA LEU A 201 -8.82 11.30 -22.75
C LEU A 201 -8.52 10.95 -24.19
N ASP A 202 -7.99 11.89 -24.95
CA ASP A 202 -7.64 11.68 -26.35
C ASP A 202 -6.13 11.90 -26.55
N PRO A 203 -5.26 10.91 -26.27
CA PRO A 203 -3.81 11.15 -26.44
C PRO A 203 -3.38 11.35 -27.91
N ASP A 204 -4.27 11.03 -28.86
CA ASP A 204 -4.02 11.14 -30.29
C ASP A 204 -4.02 12.59 -30.75
N LYS A 205 -5.03 13.37 -30.38
CA LYS A 205 -5.08 14.76 -30.80
C LYS A 205 -5.09 15.74 -29.63
N CYS A 206 -6.19 15.82 -28.86
CA CYS A 206 -6.38 16.79 -27.80
C CYS A 206 -5.44 16.68 -26.58
N ASP A 207 -5.29 15.47 -26.03
CA ASP A 207 -4.48 15.26 -24.85
C ASP A 207 -3.08 14.71 -25.16
N ARG A 208 -2.57 14.99 -26.37
CA ARG A 208 -1.26 14.52 -26.86
C ARG A 208 -0.09 14.87 -25.96
N ASP A 209 -0.10 16.07 -25.37
CA ASP A 209 0.99 16.53 -24.52
C ASP A 209 0.79 16.18 -23.05
N LEU A 210 -0.34 15.57 -22.69
CA LEU A 210 -0.59 15.16 -21.29
C LEU A 210 0.06 13.82 -20.97
N SER A 211 0.51 13.68 -19.73
CA SER A 211 1.10 12.46 -19.17
C SER A 211 -0.08 11.67 -18.65
N LEU A 212 -0.31 10.52 -19.24
CA LEU A 212 -1.49 9.76 -18.87
C LEU A 212 -1.36 8.27 -19.06
N ILE A 213 -2.24 7.55 -18.37
CA ILE A 213 -2.47 6.14 -18.50
C ILE A 213 -3.98 5.94 -18.62
N LYS A 214 -4.38 5.18 -19.63
CA LYS A 214 -5.75 4.75 -19.86
C LYS A 214 -5.75 3.27 -19.50
N VAL A 215 -6.48 2.90 -18.43
CA VAL A 215 -6.69 1.53 -17.96
C VAL A 215 -7.99 1.15 -18.67
N ILE A 216 -7.89 0.25 -19.65
CA ILE A 216 -9.03 -0.18 -20.46
C ILE A 216 -9.46 -1.60 -20.06
N ASP A 217 -10.78 -1.81 -19.88
CA ASP A 217 -11.43 -3.10 -19.60
C ASP A 217 -10.84 -3.83 -18.41
N VAL A 218 -10.79 -3.13 -17.26
CA VAL A 218 -10.27 -3.62 -15.98
C VAL A 218 -8.80 -4.18 -16.13
N GLY A 219 -7.95 -3.41 -16.78
CA GLY A 219 -6.53 -3.72 -16.93
C GLY A 219 -6.15 -4.75 -17.98
N ARG A 220 -7.02 -4.97 -18.95
CA ARG A 220 -6.79 -5.90 -20.04
C ARG A 220 -5.83 -5.22 -21.05
N ARG A 221 -5.95 -3.88 -21.16
CA ARG A 221 -5.23 -3.06 -22.12
C ARG A 221 -4.87 -1.71 -21.50
N PHE A 222 -3.76 -1.10 -21.98
CA PHE A 222 -3.31 0.19 -21.48
C PHE A 222 -2.84 1.10 -22.58
N LEU A 223 -3.19 2.38 -22.49
CA LEU A 223 -2.67 3.40 -23.36
C LEU A 223 -1.83 4.31 -22.45
N VAL A 224 -0.52 4.36 -22.70
CA VAL A 224 0.43 5.10 -21.89
C VAL A 224 1.01 6.22 -22.73
N ASN A 225 0.80 7.46 -22.27
CA ASN A 225 1.29 8.61 -23.02
C ASN A 225 2.17 9.51 -22.19
N ARG A 226 3.36 9.81 -22.75
CA ARG A 226 4.35 10.73 -22.20
C ARG A 226 4.67 10.54 -20.72
N VAL A 227 5.20 9.36 -20.33
CA VAL A 227 5.65 9.14 -18.95
C VAL A 227 6.92 9.97 -18.76
N GLN A 228 6.81 11.05 -17.97
CA GLN A 228 7.88 12.02 -17.75
C GLN A 228 8.97 11.54 -16.79
N ASP A 229 8.60 10.89 -15.69
CA ASP A 229 9.57 10.59 -14.64
C ASP A 229 9.47 9.18 -14.03
N HIS A 230 10.29 8.97 -12.99
CA HIS A 230 10.45 7.74 -12.21
C HIS A 230 9.15 7.31 -11.52
N ILE A 231 8.49 8.22 -10.82
CA ILE A 231 7.27 7.91 -10.08
C ILE A 231 6.09 7.50 -10.99
N GLN A 232 5.92 8.17 -12.14
CA GLN A 232 4.89 7.85 -13.13
C GLN A 232 5.14 6.49 -13.74
N SER A 233 6.42 6.21 -14.01
CA SER A 233 6.85 4.94 -14.58
C SER A 233 6.57 3.78 -13.62
N ARG A 234 6.81 4.00 -12.31
CA ARG A 234 6.55 3.07 -11.21
C ARG A 234 5.04 2.76 -11.09
N ILE A 235 4.17 3.82 -11.17
CA ILE A 235 2.70 3.75 -11.09
C ILE A 235 2.21 2.90 -12.23
N VAL A 236 2.71 3.16 -13.44
CA VAL A 236 2.33 2.42 -14.65
C VAL A 236 2.66 0.93 -14.51
N TYR A 237 3.87 0.63 -14.02
CA TYR A 237 4.33 -0.74 -13.76
C TYR A 237 3.44 -1.41 -12.71
N TYR A 238 3.10 -0.69 -11.64
CA TYR A 238 2.23 -1.19 -10.57
C TYR A 238 0.83 -1.57 -11.11
N LEU A 239 0.19 -0.65 -11.86
CA LEU A 239 -1.13 -0.84 -12.48
C LEU A 239 -1.17 -2.01 -13.43
N MET A 240 -0.05 -2.27 -14.10
CA MET A 240 0.10 -3.42 -14.99
C MET A 240 0.31 -4.73 -14.27
N ASN A 241 0.69 -4.72 -12.97
CA ASN A 241 0.97 -5.93 -12.17
C ASN A 241 -0.14 -6.34 -11.25
N ILE A 242 -0.94 -5.37 -10.78
CA ILE A 242 -2.08 -5.66 -9.93
C ILE A 242 -3.17 -6.27 -10.79
N HIS A 243 -4.15 -6.93 -10.17
CA HIS A 243 -5.31 -7.53 -10.83
C HIS A 243 -6.44 -7.54 -9.82
N VAL A 244 -7.66 -7.78 -10.28
CA VAL A 244 -8.86 -7.81 -9.43
C VAL A 244 -9.43 -9.23 -9.32
N GLN A 245 -8.64 -10.25 -9.70
CA GLN A 245 -9.03 -11.65 -9.61
C GLN A 245 -9.09 -12.09 -8.15
N PRO A 246 -10.06 -12.93 -7.75
CA PRO A 246 -10.13 -13.33 -6.32
C PRO A 246 -8.98 -14.27 -5.98
N ARG A 247 -8.42 -14.12 -4.77
CA ARG A 247 -7.29 -14.92 -4.29
C ARG A 247 -7.02 -14.76 -2.79
N THR A 248 -6.09 -15.55 -2.24
CA THR A 248 -5.79 -15.47 -0.83
C THR A 248 -4.29 -15.39 -0.62
N ILE A 249 -3.87 -14.52 0.30
CA ILE A 249 -2.47 -14.40 0.69
C ILE A 249 -2.34 -14.91 2.13
N TYR A 250 -1.54 -15.95 2.32
CA TYR A 250 -1.27 -16.49 3.64
C TYR A 250 0.15 -16.08 3.99
N LEU A 251 0.31 -15.48 5.18
CA LEU A 251 1.60 -15.04 5.66
C LEU A 251 1.84 -15.69 7.01
N CYS A 252 3.06 -16.22 7.20
CA CYS A 252 3.44 -16.79 8.49
C CYS A 252 4.94 -16.76 8.61
N ARG A 253 5.43 -16.98 9.81
CA ARG A 253 6.83 -17.07 10.09
C ARG A 253 7.20 -18.54 10.00
N HIS A 254 8.49 -18.82 9.94
CA HIS A 254 9.03 -20.17 10.00
C HIS A 254 8.55 -20.74 11.37
N GLY A 255 8.55 -22.07 11.53
CA GLY A 255 8.24 -22.65 12.83
C GLY A 255 9.34 -22.25 13.80
N GLU A 256 9.07 -22.23 15.11
CA GLU A 256 10.05 -21.87 16.15
C GLU A 256 11.45 -22.47 15.89
N ASN A 257 12.49 -21.64 16.00
CA ASN A 257 13.84 -22.13 15.77
C ASN A 257 14.70 -22.20 17.06
N GLU A 258 15.91 -22.74 16.98
CA GLU A 258 16.79 -22.85 18.15
C GLU A 258 17.18 -21.49 18.75
N HIS A 259 17.39 -20.47 17.90
CA HIS A 259 17.69 -19.10 18.33
C HIS A 259 16.52 -18.47 19.06
N ASN A 260 15.29 -18.79 18.65
CA ASN A 260 14.09 -18.32 19.32
C ASN A 260 14.10 -18.81 20.77
N LEU A 261 14.46 -20.10 20.99
CA LEU A 261 14.50 -20.68 22.33
C LEU A 261 15.54 -20.01 23.23
N GLN A 262 16.66 -19.55 22.66
CA GLN A 262 17.75 -18.90 23.39
C GLN A 262 17.59 -17.38 23.46
N GLY A 263 16.53 -16.86 22.83
CA GLY A 263 16.27 -15.42 22.75
C GLY A 263 17.29 -14.67 21.92
N ARG A 264 17.91 -15.37 20.94
CA ARG A 264 18.94 -14.81 20.03
C ARG A 264 18.34 -14.29 18.72
N ILE A 265 18.85 -13.15 18.24
CA ILE A 265 18.38 -12.50 17.00
C ILE A 265 19.22 -12.93 15.81
N GLY A 266 18.63 -12.86 14.62
CA GLY A 266 19.27 -13.26 13.37
C GLY A 266 19.69 -14.72 13.34
N GLY A 267 20.83 -14.94 12.70
CA GLY A 267 21.45 -16.25 12.54
C GLY A 267 20.72 -17.07 11.49
N ASP A 268 21.08 -18.34 11.38
CA ASP A 268 20.49 -19.25 10.41
C ASP A 268 20.23 -20.60 11.09
N SER A 269 19.66 -20.57 12.30
CA SER A 269 19.37 -21.78 13.07
C SER A 269 18.19 -22.58 12.48
N GLY A 270 18.13 -23.86 12.84
CA GLY A 270 17.08 -24.77 12.39
C GLY A 270 15.90 -24.83 13.34
N LEU A 271 14.82 -25.48 12.88
CA LEU A 271 13.59 -25.65 13.64
C LEU A 271 13.82 -26.42 14.91
N SER A 272 13.17 -25.96 16.00
CA SER A 272 13.13 -26.65 17.29
C SER A 272 12.09 -27.79 17.12
N SER A 273 11.90 -28.62 18.16
CA SER A 273 10.91 -29.70 18.09
C SER A 273 9.49 -29.15 17.88
N ARG A 274 9.18 -28.03 18.53
CA ARG A 274 7.89 -27.33 18.39
C ARG A 274 7.73 -26.74 16.97
N GLY A 275 8.82 -26.14 16.44
CA GLY A 275 8.86 -25.60 15.09
C GLY A 275 8.51 -26.64 14.04
N LYS A 276 9.05 -27.88 14.21
CA LYS A 276 8.77 -29.04 13.34
C LYS A 276 7.28 -29.45 13.47
N LYS A 277 6.71 -29.34 14.70
CA LYS A 277 5.31 -29.64 14.96
C LYS A 277 4.44 -28.62 14.23
N PHE A 278 4.82 -27.33 14.26
CA PHE A 278 4.09 -26.28 13.53
C PHE A 278 4.10 -26.58 12.04
N ALA A 279 5.27 -26.95 11.48
CA ALA A 279 5.47 -27.26 10.07
C ALA A 279 4.48 -28.33 9.61
N SER A 280 4.30 -29.42 10.42
CA SER A 280 3.30 -30.49 10.18
C SER A 280 1.88 -29.88 10.28
N ALA A 281 1.65 -29.06 11.31
CA ALA A 281 0.34 -28.44 11.51
C ALA A 281 -0.02 -27.52 10.33
N LEU A 282 0.97 -26.81 9.78
CA LEU A 282 0.85 -25.93 8.61
C LEU A 282 0.46 -26.72 7.36
N SER A 283 1.06 -27.90 7.17
CA SER A 283 0.73 -28.80 6.05
C SER A 283 -0.75 -29.19 6.09
N LYS A 284 -1.24 -29.58 7.28
CA LYS A 284 -2.63 -29.97 7.49
C LYS A 284 -3.54 -28.77 7.21
N PHE A 285 -3.19 -27.59 7.75
CA PHE A 285 -3.92 -26.36 7.52
C PHE A 285 -4.02 -26.06 6.02
N VAL A 286 -2.87 -26.05 5.30
CA VAL A 286 -2.79 -25.80 3.85
C VAL A 286 -3.70 -26.76 3.06
N GLU A 287 -3.64 -28.05 3.38
CA GLU A 287 -4.44 -29.11 2.78
C GLU A 287 -5.95 -28.82 2.97
N GLU A 288 -6.34 -28.42 4.19
CA GLU A 288 -7.73 -28.11 4.54
C GLU A 288 -8.28 -26.86 3.82
N GLN A 289 -7.39 -25.98 3.31
CA GLN A 289 -7.79 -24.78 2.57
C GLN A 289 -8.28 -25.11 1.16
N ASN A 290 -7.92 -26.33 0.65
CA ASN A 290 -8.32 -26.88 -0.66
C ASN A 290 -8.18 -25.89 -1.82
N LEU A 291 -6.97 -25.32 -1.95
CA LEU A 291 -6.66 -24.31 -2.98
C LEU A 291 -6.17 -25.03 -4.23
N LYS A 292 -6.84 -24.75 -5.40
CA LYS A 292 -6.55 -25.36 -6.71
C LYS A 292 -5.06 -25.29 -7.04
N ASP A 293 -4.46 -24.09 -6.87
CA ASP A 293 -3.05 -23.83 -7.06
C ASP A 293 -2.61 -22.95 -5.91
N LEU A 294 -1.38 -23.15 -5.44
CA LEU A 294 -0.80 -22.36 -4.35
C LEU A 294 0.70 -22.20 -4.59
N ARG A 295 1.19 -20.95 -4.57
CA ARG A 295 2.62 -20.70 -4.71
C ARG A 295 3.13 -20.58 -3.30
N VAL A 296 4.29 -21.19 -3.03
CA VAL A 296 4.88 -21.15 -1.68
C VAL A 296 6.23 -20.44 -1.80
N TRP A 297 6.40 -19.39 -1.00
CA TRP A 297 7.63 -18.60 -0.97
C TRP A 297 8.26 -18.67 0.41
N THR A 298 9.58 -18.78 0.42
CA THR A 298 10.37 -18.83 1.65
C THR A 298 11.52 -17.86 1.47
N SER A 299 12.29 -17.67 2.56
CA SER A 299 13.52 -16.91 2.56
C SER A 299 14.64 -17.93 2.19
N GLN A 300 15.90 -17.53 2.21
CA GLN A 300 16.98 -18.47 2.00
C GLN A 300 17.52 -19.00 3.32
N LEU A 301 16.88 -18.61 4.43
CA LEU A 301 17.26 -19.08 5.75
C LEU A 301 16.61 -20.42 6.05
N LYS A 302 17.40 -21.35 6.61
CA LYS A 302 17.04 -22.74 6.93
C LYS A 302 15.65 -22.94 7.55
N SER A 303 15.29 -22.14 8.57
CA SER A 303 14.04 -22.30 9.32
C SER A 303 12.79 -22.20 8.48
N THR A 304 12.78 -21.29 7.48
CA THR A 304 11.61 -21.15 6.58
C THR A 304 11.57 -22.28 5.56
N ILE A 305 12.74 -22.77 5.12
CA ILE A 305 12.87 -23.85 4.13
C ILE A 305 12.43 -25.18 4.74
N GLN A 306 12.82 -25.42 6.00
CA GLN A 306 12.44 -26.62 6.74
C GLN A 306 10.92 -26.67 6.94
N THR A 307 10.30 -25.49 7.19
CA THR A 307 8.85 -25.32 7.36
C THR A 307 8.15 -25.67 6.06
N ALA A 308 8.64 -25.16 4.91
CA ALA A 308 8.09 -25.43 3.58
C ALA A 308 8.28 -26.89 3.18
N GLU A 309 9.39 -27.52 3.61
CA GLU A 309 9.69 -28.92 3.33
C GLU A 309 8.58 -29.86 3.83
N ALA A 310 7.94 -29.50 4.98
CA ALA A 310 6.84 -30.25 5.58
C ALA A 310 5.56 -30.22 4.75
N LEU A 311 5.41 -29.23 3.84
CA LEU A 311 4.21 -29.08 3.01
C LEU A 311 4.11 -30.05 1.85
N ARG A 312 5.26 -30.55 1.37
CA ARG A 312 5.39 -31.42 0.19
C ARG A 312 4.81 -30.72 -1.06
N LEU A 313 5.09 -29.42 -1.15
CA LEU A 313 4.65 -28.60 -2.26
C LEU A 313 5.88 -27.92 -2.86
N PRO A 314 5.89 -27.60 -4.18
CA PRO A 314 7.03 -26.82 -4.71
C PRO A 314 7.09 -25.45 -4.03
N TYR A 315 8.29 -24.96 -3.76
CA TYR A 315 8.47 -23.65 -3.15
C TYR A 315 9.66 -22.92 -3.77
N GLU A 316 9.64 -21.62 -3.64
CA GLU A 316 10.66 -20.76 -4.21
C GLU A 316 11.29 -19.96 -3.08
N GLN A 317 12.64 -19.98 -3.01
CA GLN A 317 13.40 -19.25 -2.00
C GLN A 317 13.77 -17.88 -2.51
N TRP A 318 13.47 -16.85 -1.71
CA TRP A 318 13.81 -15.46 -2.04
C TRP A 318 14.78 -14.94 -1.02
N LYS A 319 15.95 -14.43 -1.46
CA LYS A 319 16.92 -13.80 -0.58
C LYS A 319 16.30 -12.50 -0.03
N ALA A 320 15.38 -11.87 -0.77
CA ALA A 320 14.67 -10.67 -0.31
C ALA A 320 13.77 -10.90 0.92
N LEU A 321 13.43 -12.16 1.22
CA LEU A 321 12.60 -12.55 2.36
C LEU A 321 13.38 -12.87 3.60
N ASN A 322 14.73 -12.87 3.51
CA ASN A 322 15.64 -13.13 4.64
C ASN A 322 15.38 -12.11 5.71
N GLU A 323 15.44 -12.52 6.97
CA GLU A 323 15.20 -11.63 8.10
C GLU A 323 16.09 -10.38 8.07
N ILE A 324 15.61 -9.27 8.67
CA ILE A 324 16.39 -8.04 8.83
C ILE A 324 17.83 -8.38 9.29
N ASP A 325 18.84 -7.77 8.68
CA ASP A 325 20.23 -8.05 9.03
C ASP A 325 20.61 -7.21 10.23
N ALA A 326 20.98 -7.86 11.35
CA ALA A 326 21.34 -7.16 12.57
C ALA A 326 22.79 -6.72 12.66
N GLY A 327 23.55 -6.89 11.57
CA GLY A 327 24.95 -6.53 11.48
C GLY A 327 25.80 -7.15 12.56
N VAL A 328 26.44 -6.30 13.39
CA VAL A 328 27.31 -6.73 14.50
C VAL A 328 26.53 -7.42 15.65
N CYS A 329 25.21 -7.16 15.72
CA CYS A 329 24.32 -7.70 16.74
C CYS A 329 23.74 -9.07 16.38
N GLU A 330 24.10 -9.60 15.22
CA GLU A 330 23.62 -10.93 14.79
C GLU A 330 24.03 -12.00 15.81
N GLU A 331 23.08 -12.94 16.12
CA GLU A 331 23.25 -14.12 16.99
C GLU A 331 23.35 -13.79 18.48
N LEU A 332 23.11 -12.53 18.85
CA LEU A 332 23.15 -12.02 20.20
C LEU A 332 21.74 -12.01 20.76
N THR A 333 21.63 -12.06 22.09
CA THR A 333 20.33 -11.92 22.75
C THR A 333 20.13 -10.41 22.93
N TYR A 334 18.89 -9.95 23.22
CA TYR A 334 18.64 -8.54 23.45
C TYR A 334 19.35 -8.04 24.71
N GLU A 335 19.55 -8.93 25.72
CA GLU A 335 20.27 -8.62 26.96
C GLU A 335 21.73 -8.34 26.64
N GLU A 336 22.35 -9.19 25.81
CA GLU A 336 23.72 -9.04 25.35
C GLU A 336 23.90 -7.78 24.49
N ILE A 337 22.83 -7.35 23.76
CA ILE A 337 22.87 -6.15 22.93
C ILE A 337 22.90 -4.95 23.86
N ARG A 338 21.99 -4.92 24.85
CA ARG A 338 21.92 -3.84 25.84
C ARG A 338 23.22 -3.69 26.66
N ASP A 339 23.90 -4.80 26.96
CA ASP A 339 25.12 -4.76 27.77
C ASP A 339 26.38 -4.44 26.98
N THR A 340 26.51 -4.95 25.75
CA THR A 340 27.67 -4.70 24.87
C THR A 340 27.53 -3.38 24.09
N TYR A 341 26.31 -3.09 23.59
CA TYR A 341 25.99 -1.90 22.79
C TYR A 341 24.81 -1.10 23.42
N PRO A 342 24.98 -0.47 24.62
CA PRO A 342 23.84 0.25 25.23
C PRO A 342 23.33 1.46 24.45
N GLU A 343 24.24 2.20 23.79
CA GLU A 343 23.90 3.36 22.97
C GLU A 343 23.04 2.92 21.77
N GLU A 344 23.47 1.84 21.09
CA GLU A 344 22.78 1.24 19.97
C GLU A 344 21.38 0.76 20.34
N TYR A 345 21.26 0.07 21.50
CA TYR A 345 20.01 -0.46 22.05
C TYR A 345 18.99 0.68 22.27
N ALA A 346 19.40 1.74 22.97
CA ALA A 346 18.54 2.91 23.25
C ALA A 346 18.13 3.65 21.97
N LEU A 347 19.07 3.82 21.00
CA LEU A 347 18.80 4.49 19.72
C LEU A 347 17.69 3.79 18.93
N ARG A 348 17.73 2.43 18.88
CA ARG A 348 16.75 1.57 18.22
C ARG A 348 15.37 1.70 18.87
N GLU A 349 15.32 1.63 20.23
CA GLU A 349 14.09 1.76 21.03
C GLU A 349 13.40 3.09 20.76
N GLN A 350 14.21 4.15 20.52
CA GLN A 350 13.69 5.49 20.26
C GLN A 350 13.23 5.69 18.83
N ASP A 351 13.88 5.03 17.87
CA ASP A 351 13.56 5.21 16.45
C ASP A 351 13.64 3.87 15.70
N LYS A 352 12.75 2.93 16.05
CA LYS A 352 12.76 1.57 15.54
C LYS A 352 12.65 1.42 14.01
N TYR A 353 11.94 2.30 13.32
CA TYR A 353 11.81 2.20 11.88
C TYR A 353 13.07 2.60 11.10
N TYR A 354 13.67 3.74 11.47
CA TYR A 354 14.82 4.34 10.79
C TYR A 354 16.15 3.84 11.28
N TYR A 355 16.18 3.31 12.51
CA TYR A 355 17.40 2.78 13.09
C TYR A 355 18.05 1.71 12.21
N ARG A 356 19.33 1.88 11.92
CA ARG A 356 20.06 0.87 11.18
C ARG A 356 21.08 0.21 12.13
N TYR A 357 21.12 -1.13 12.17
CA TYR A 357 22.09 -1.87 12.95
C TYR A 357 23.49 -1.63 12.32
N PRO A 358 24.61 -1.55 13.10
CA PRO A 358 25.93 -1.34 12.47
C PRO A 358 26.31 -2.50 11.56
N THR A 359 26.58 -2.18 10.27
CA THR A 359 26.87 -3.12 9.17
C THR A 359 25.61 -3.94 8.83
N GLY A 360 24.47 -3.47 9.32
CA GLY A 360 23.18 -4.12 9.16
C GLY A 360 22.10 -3.25 8.54
N GLU A 361 20.84 -3.58 8.82
CA GLU A 361 19.70 -2.94 8.21
C GLU A 361 18.75 -2.26 9.18
N SER A 362 17.87 -1.46 8.58
CA SER A 362 16.73 -0.81 9.21
C SER A 362 15.44 -1.41 8.59
N TYR A 363 14.27 -1.16 9.20
CA TYR A 363 12.95 -1.52 8.65
C TYR A 363 12.79 -0.78 7.30
N GLN A 364 13.34 0.44 7.23
CA GLN A 364 13.38 1.27 6.01
C GLN A 364 14.10 0.51 4.88
N ASP A 365 15.25 -0.16 5.17
CA ASP A 365 15.97 -0.97 4.19
C ASP A 365 15.16 -2.18 3.78
N LEU A 366 14.46 -2.79 4.74
CA LEU A 366 13.58 -3.95 4.49
C LEU A 366 12.54 -3.65 3.41
N VAL A 367 11.83 -2.49 3.51
CA VAL A 367 10.83 -2.00 2.54
C VAL A 367 11.43 -1.98 1.16
N GLN A 368 12.63 -1.39 1.00
CA GLN A 368 13.29 -1.32 -0.31
C GLN A 368 13.56 -2.69 -0.89
N ARG A 369 13.99 -3.65 -0.05
CA ARG A 369 14.29 -5.04 -0.41
C ARG A 369 13.02 -5.81 -0.74
N LEU A 370 11.94 -5.54 0.01
CA LEU A 370 10.67 -6.25 -0.16
C LEU A 370 9.79 -5.71 -1.30
N GLU A 371 10.12 -4.56 -1.86
CA GLU A 371 9.29 -4.01 -2.94
C GLU A 371 9.10 -5.02 -4.12
N PRO A 372 10.17 -5.70 -4.64
CA PRO A 372 9.94 -6.71 -5.70
C PRO A 372 9.06 -7.86 -5.22
N VAL A 373 9.08 -8.17 -3.90
CA VAL A 373 8.24 -9.24 -3.32
C VAL A 373 6.78 -8.82 -3.43
N ILE A 374 6.48 -7.56 -3.05
CA ILE A 374 5.15 -6.95 -3.10
C ILE A 374 4.61 -6.92 -4.54
N MET A 375 5.46 -6.54 -5.50
CA MET A 375 5.10 -6.48 -6.92
C MET A 375 4.76 -7.87 -7.45
N GLU A 376 5.51 -8.89 -7.01
CA GLU A 376 5.22 -10.26 -7.41
C GLU A 376 3.97 -10.80 -6.69
N LEU A 377 3.75 -10.41 -5.43
CA LEU A 377 2.56 -10.81 -4.65
C LEU A 377 1.32 -10.29 -5.32
N GLU A 378 1.40 -9.08 -5.87
CA GLU A 378 0.33 -8.44 -6.61
C GLU A 378 -0.03 -9.22 -7.87
N ARG A 379 0.98 -9.66 -8.65
CA ARG A 379 0.80 -10.43 -9.90
C ARG A 379 0.15 -11.80 -9.70
N GLN A 380 0.48 -12.44 -8.59
CA GLN A 380 0.06 -13.80 -8.25
C GLN A 380 -1.34 -13.91 -7.72
N GLU A 381 -1.77 -15.14 -7.49
CA GLU A 381 -3.08 -15.41 -6.93
C GLU A 381 -2.92 -15.93 -5.49
N ASN A 382 -3.04 -17.25 -5.27
CA ASN A 382 -2.91 -17.86 -3.95
C ASN A 382 -1.44 -18.01 -3.65
N VAL A 383 -0.99 -17.37 -2.57
CA VAL A 383 0.43 -17.41 -2.20
C VAL A 383 0.56 -17.61 -0.69
N LEU A 384 1.51 -18.43 -0.30
CA LEU A 384 1.87 -18.67 1.09
C LEU A 384 3.30 -18.19 1.22
N VAL A 385 3.52 -17.21 2.09
CA VAL A 385 4.84 -16.65 2.36
C VAL A 385 5.23 -17.08 3.75
N ILE A 386 6.29 -17.89 3.84
CA ILE A 386 6.88 -18.38 5.09
C ILE A 386 8.12 -17.50 5.32
N CYS A 387 8.05 -16.56 6.28
CA CYS A 387 9.17 -15.65 6.46
C CYS A 387 9.57 -15.45 7.91
N HIS A 388 9.92 -14.21 8.29
CA HIS A 388 10.49 -13.82 9.58
C HIS A 388 9.78 -12.62 10.16
N GLN A 389 9.87 -12.42 11.45
CA GLN A 389 9.15 -11.39 12.23
C GLN A 389 9.18 -9.99 11.59
N ALA A 390 10.37 -9.40 11.36
CA ALA A 390 10.48 -8.04 10.78
C ALA A 390 10.01 -7.96 9.35
N VAL A 391 10.30 -8.99 8.52
CA VAL A 391 9.86 -9.11 7.13
C VAL A 391 8.32 -9.13 7.09
N LEU A 392 7.72 -9.95 7.96
CA LEU A 392 6.29 -10.12 8.06
C LEU A 392 5.60 -8.80 8.46
N ARG A 393 6.12 -8.11 9.48
CA ARG A 393 5.60 -6.79 9.87
C ARG A 393 5.61 -5.84 8.67
N CYS A 394 6.72 -5.79 7.88
N CYS A 394 6.72 -5.82 7.90
CA CYS A 394 6.80 -4.93 6.69
CA CYS A 394 6.92 -4.98 6.72
C CYS A 394 5.77 -5.24 5.63
C CYS A 394 5.88 -5.25 5.61
N LEU A 395 5.59 -6.53 5.31
CA LEU A 395 4.60 -6.98 4.30
C LEU A 395 3.19 -6.68 4.79
N LEU A 396 2.92 -6.98 6.08
CA LEU A 396 1.63 -6.72 6.72
C LEU A 396 1.29 -5.23 6.73
N ALA A 397 2.29 -4.36 6.97
CA ALA A 397 2.09 -2.92 6.92
C ALA A 397 1.66 -2.47 5.53
N TYR A 398 2.16 -3.15 4.47
CA TYR A 398 1.73 -2.85 3.13
C TYR A 398 0.26 -3.23 2.91
N PHE A 399 -0.10 -4.48 3.24
CA PHE A 399 -1.46 -4.98 3.04
C PHE A 399 -2.51 -4.31 3.91
N LEU A 400 -2.14 -3.96 5.17
CA LEU A 400 -3.01 -3.34 6.17
C LEU A 400 -2.90 -1.84 6.25
N ASP A 401 -2.14 -1.21 5.31
CA ASP A 401 -1.97 0.26 5.26
C ASP A 401 -1.50 0.84 6.62
N LYS A 402 -0.45 0.23 7.22
CA LYS A 402 0.12 0.72 8.49
C LYS A 402 1.28 1.63 8.20
N SER A 403 1.46 2.67 9.01
CA SER A 403 2.53 3.64 8.84
C SER A 403 3.90 3.07 9.21
N ALA A 404 4.96 3.79 8.81
CA ALA A 404 6.36 3.47 9.11
C ALA A 404 6.56 3.38 10.64
N GLU A 405 5.93 4.28 11.39
CA GLU A 405 5.97 4.33 12.86
C GLU A 405 5.31 3.12 13.50
N GLU A 406 4.18 2.65 12.96
CA GLU A 406 3.48 1.46 13.51
C GLU A 406 4.18 0.13 13.15
N MET A 407 4.67 0.04 11.90
CA MET A 407 5.32 -1.15 11.31
C MET A 407 6.25 -1.97 12.24
N PRO A 408 7.28 -1.41 12.94
CA PRO A 408 8.14 -2.28 13.77
C PRO A 408 7.46 -2.89 14.98
N TYR A 409 6.18 -2.55 15.27
CA TYR A 409 5.47 -3.01 16.46
C TYR A 409 4.26 -3.90 16.15
N LEU A 410 4.01 -4.21 14.87
CA LEU A 410 2.90 -5.07 14.49
C LEU A 410 3.11 -6.46 15.09
N LYS A 411 2.03 -7.06 15.62
CA LYS A 411 2.06 -8.39 16.24
C LYS A 411 2.01 -9.47 15.18
N CYS A 412 3.07 -10.27 15.11
CA CYS A 412 3.25 -11.36 14.13
C CYS A 412 3.72 -12.58 14.92
N PRO A 413 2.84 -13.20 15.75
CA PRO A 413 3.31 -14.34 16.56
C PRO A 413 3.72 -15.56 15.75
N LEU A 414 4.57 -16.39 16.37
CA LEU A 414 5.02 -17.66 15.80
C LEU A 414 3.83 -18.61 15.77
N HIS A 415 3.83 -19.56 14.84
CA HIS A 415 2.85 -20.66 14.72
C HIS A 415 1.44 -20.19 14.46
N THR A 416 1.33 -19.03 13.81
CA THR A 416 0.09 -18.33 13.49
C THR A 416 0.10 -17.86 12.04
N VAL A 417 -0.90 -18.28 11.27
CA VAL A 417 -1.10 -17.90 9.87
C VAL A 417 -1.99 -16.64 9.79
N LEU A 418 -1.56 -15.66 9.01
CA LEU A 418 -2.33 -14.45 8.76
C LEU A 418 -2.92 -14.63 7.37
N LYS A 419 -4.25 -14.81 7.30
CA LYS A 419 -5.00 -15.07 6.07
C LYS A 419 -5.54 -13.75 5.57
N LEU A 420 -5.05 -13.32 4.40
CA LEU A 420 -5.44 -12.03 3.82
C LEU A 420 -6.34 -12.22 2.63
N THR A 421 -7.55 -11.64 2.72
CA THR A 421 -8.52 -11.72 1.65
C THR A 421 -8.84 -10.32 1.12
N PRO A 422 -8.49 -10.03 -0.15
CA PRO A 422 -8.76 -8.69 -0.71
C PRO A 422 -10.26 -8.51 -0.89
N VAL A 423 -10.82 -7.49 -0.20
CA VAL A 423 -12.24 -7.15 -0.23
C VAL A 423 -12.43 -5.64 -0.07
N ALA A 424 -13.34 -5.04 -0.89
CA ALA A 424 -13.68 -3.61 -0.97
C ALA A 424 -12.46 -2.75 -1.31
N TYR A 425 -11.93 -1.96 -0.34
CA TYR A 425 -10.78 -1.08 -0.55
C TYR A 425 -9.53 -1.47 0.28
N GLY A 426 -9.37 -2.77 0.53
CA GLY A 426 -8.22 -3.28 1.27
C GLY A 426 -8.24 -4.77 1.50
N CYS A 427 -7.75 -5.20 2.68
CA CYS A 427 -7.67 -6.61 3.07
C CYS A 427 -8.45 -6.94 4.33
N ARG A 428 -9.17 -8.06 4.28
CA ARG A 428 -9.80 -8.67 5.44
C ARG A 428 -8.66 -9.54 5.98
N VAL A 429 -8.39 -9.45 7.29
CA VAL A 429 -7.34 -10.25 7.95
C VAL A 429 -7.97 -11.21 8.97
N GLU A 430 -7.69 -12.50 8.79
CA GLU A 430 -8.09 -13.56 9.70
C GLU A 430 -6.79 -14.13 10.25
N SER A 431 -6.75 -14.39 11.55
CA SER A 431 -5.61 -14.99 12.21
C SER A 431 -5.93 -16.47 12.50
N ILE A 432 -5.02 -17.40 12.18
CA ILE A 432 -5.23 -18.83 12.46
C ILE A 432 -4.02 -19.40 13.23
N TYR A 433 -4.18 -19.57 14.55
CA TYR A 433 -3.16 -20.14 15.41
C TYR A 433 -3.22 -21.65 15.25
N LEU A 434 -2.08 -22.29 14.93
CA LEU A 434 -2.08 -23.72 14.62
C LEU A 434 -1.83 -24.64 15.82
N ASN A 435 -2.13 -24.13 17.01
CA ASN A 435 -2.17 -24.86 18.27
C ASN A 435 -0.88 -25.60 18.63
N VAL A 436 0.26 -24.95 18.40
CA VAL A 436 1.58 -25.46 18.76
C VAL A 436 2.24 -24.34 19.54
N GLU A 437 2.68 -24.66 20.78
CA GLU A 437 3.37 -23.74 21.67
C GLU A 437 4.69 -23.27 21.07
N SER A 438 5.10 -22.06 21.45
CA SER A 438 6.37 -21.44 21.06
C SER A 438 6.67 -20.36 22.08
N VAL A 439 7.89 -19.79 21.99
CA VAL A 439 8.28 -18.65 22.80
C VAL A 439 7.59 -17.41 22.15
N CYS A 440 7.61 -16.27 22.83
CA CYS A 440 7.07 -15.02 22.32
C CYS A 440 8.27 -14.15 21.97
N THR A 441 8.29 -13.61 20.75
CA THR A 441 9.41 -12.77 20.32
C THR A 441 9.00 -11.30 20.18
N HIS A 442 7.72 -10.99 20.52
CA HIS A 442 7.20 -9.65 20.44
C HIS A 442 7.67 -8.79 21.60
N ARG A 443 8.13 -7.57 21.29
CA ARG A 443 8.60 -6.59 22.26
C ARG A 443 7.93 -5.24 21.96
N GLU A 444 7.11 -4.76 22.90
CA GLU A 444 6.39 -3.49 22.78
C GLU A 444 7.35 -2.30 22.97
N ARG A 445 6.93 -1.09 22.55
CA ARG A 445 7.73 0.14 22.69
C ARG A 445 7.88 0.57 24.17
N SER A 446 8.89 1.43 24.47
CA SER A 446 9.14 1.94 25.82
C SER A 446 9.09 3.46 25.87
P PHS B . 11.83 -15.35 13.08
O1P PHS B . 13.00 -14.90 12.29
O2P PHS B . 10.61 -14.36 13.01
O3P PHS B . 12.21 -15.77 14.60
O1 F6P C . 13.60 -12.75 17.31
C1 F6P C . 13.26 -13.18 15.99
C2 F6P C . 13.61 -12.11 14.94
O2 F6P C . 13.08 -12.54 13.68
C3 F6P C . 15.11 -11.81 14.85
O3 F6P C . 15.79 -12.75 14.03
C4 F6P C . 15.14 -10.37 14.35
O4 F6P C . 16.34 -9.67 14.70
C5 F6P C . 13.96 -9.81 15.13
O5 F6P C . 13.00 -10.85 15.27
C6 F6P C . 13.31 -8.57 14.53
O6 F6P C . 12.38 -8.08 15.53
P F6P C . 12.58 -6.64 16.22
O1P F6P C . 13.89 -6.70 16.96
O2P F6P C . 12.62 -5.65 15.06
O3P F6P C . 11.39 -6.47 17.12
P PO4 D . -15.55 4.88 -8.95
O1 PO4 D . -15.55 3.40 -8.58
O2 PO4 D . -14.97 5.04 -10.44
O3 PO4 D . -17.02 5.50 -8.89
O4 PO4 D . -14.65 5.67 -7.89
N3 MJP E . -14.01 -0.29 -14.93
C16 MJP E . -13.79 -0.74 -13.91
C14 MJP E . -13.46 -1.29 -12.62
C15 MJP E . -14.33 -1.76 -11.67
N2 MJP E . -13.62 -2.12 -10.55
C11 MJP E . -12.28 -1.90 -10.78
C10 MJP E . -11.18 -2.11 -9.95
C9 MJP E . -9.93 -1.73 -10.41
C12 MJP E . -12.15 -1.36 -12.08
C13 MJP E . -10.87 -1.01 -12.53
C8 MJP E . -9.78 -1.20 -11.67
O1 MJP E . -8.52 -0.77 -12.10
C2 MJP E . -7.52 -1.68 -12.42
C1 MJP E . -7.82 -2.99 -12.79
C3 MJP E . -6.21 -1.23 -12.48
C4 MJP E . -5.21 -2.07 -12.96
C5 MJP E . -5.51 -3.37 -13.36
C MJP E . -6.82 -3.83 -13.25
N MJP E . -4.48 -4.19 -13.89
C6 MJP E . -4.56 -5.46 -14.36
O MJP E . -5.54 -6.18 -14.23
C7 MJP E . -3.31 -5.98 -15.07
N1 MJP E . -3.12 -7.39 -14.71
#